data_2IOJ
#
_entry.id   2IOJ
#
_cell.length_a   62.409
_cell.length_b   66.016
_cell.length_c   122.392
_cell.angle_alpha   90.00
_cell.angle_beta   90.00
_cell.angle_gamma   90.00
#
_symmetry.space_group_name_H-M   'C 2 2 21'
#
loop_
_entity.id
_entity.type
_entity.pdbx_description
1 polymer 'Hypothetical protein AF_1212'
2 water water
#
_entity_poly.entity_id   1
_entity_poly.type   'polypeptide(L)'
_entity_poly.pdbx_seq_one_letter_code
;RNPVLAGLSVEEIREAVSGEYLIEPREEK(MSE)VEQVVIGA(MSE)SPQSALRYLREARNAALVTGGDRSDLLLTALE
(MSE)PNVRCLILTGNLEPVQLVLTKAEERGVPVILTGHDTLTAVSRLESVFGRTRIRGEPKVGI(MSE)RELFES
;
_entity_poly.pdbx_strand_id   A,B
#
# COMPACT_ATOMS: atom_id res chain seq x y z
N GLY A 7 -1.54 20.98 -5.01
CA GLY A 7 -1.82 20.22 -6.26
C GLY A 7 -0.91 20.65 -7.39
N LEU A 8 -0.58 19.72 -8.28
CA LEU A 8 0.30 20.01 -9.41
C LEU A 8 -0.38 19.77 -10.74
N SER A 9 -0.02 20.54 -11.76
CA SER A 9 -0.61 20.36 -13.07
C SER A 9 0.07 19.18 -13.75
N VAL A 10 -0.61 18.62 -14.76
CA VAL A 10 -0.09 17.50 -15.51
C VAL A 10 1.19 17.88 -16.24
N GLU A 11 1.19 19.07 -16.82
CA GLU A 11 2.34 19.57 -17.56
C GLU A 11 3.59 19.61 -16.67
N GLU A 12 3.41 20.04 -15.42
CA GLU A 12 4.53 20.10 -14.48
C GLU A 12 5.04 18.69 -14.18
N ILE A 13 4.11 17.73 -14.13
CA ILE A 13 4.48 16.35 -13.87
C ILE A 13 5.30 15.84 -15.05
N ARG A 14 4.84 16.16 -16.26
CA ARG A 14 5.54 15.73 -17.46
C ARG A 14 6.96 16.31 -17.43
N GLU A 15 7.06 17.57 -17.00
CA GLU A 15 8.33 18.27 -16.91
C GLU A 15 9.28 17.54 -15.97
N ALA A 16 8.79 17.23 -14.77
CA ALA A 16 9.58 16.54 -13.75
C ALA A 16 10.20 15.22 -14.20
N VAL A 17 9.48 14.42 -14.99
CA VAL A 17 10.02 13.15 -15.43
C VAL A 17 10.54 13.21 -16.87
N SER A 18 10.69 14.42 -17.40
CA SER A 18 11.16 14.60 -18.78
C SER A 18 10.37 13.67 -19.69
N GLY A 19 9.06 13.66 -19.50
CA GLY A 19 8.21 12.78 -20.30
C GLY A 19 7.61 13.43 -21.53
N GLU A 20 6.80 12.65 -22.23
CA GLU A 20 6.12 13.11 -23.43
C GLU A 20 4.70 12.57 -23.39
N TYR A 21 3.79 13.22 -24.09
CA TYR A 21 2.40 12.78 -24.11
C TYR A 21 2.12 11.72 -25.18
N LEU A 22 1.56 10.59 -24.76
CA LEU A 22 1.16 9.56 -25.70
C LEU A 22 -0.30 9.94 -25.96
N ILE A 23 -0.90 10.55 -24.94
CA ILE A 23 -2.28 11.02 -25.00
C ILE A 23 -2.30 12.37 -24.31
N GLU A 24 -2.56 13.40 -25.10
CA GLU A 24 -2.57 14.76 -24.58
C GLU A 24 -3.83 15.11 -23.82
N PRO A 25 -3.70 15.94 -22.77
CA PRO A 25 -4.87 16.35 -21.99
C PRO A 25 -5.71 17.29 -22.85
N ARG A 26 -7.02 17.30 -22.64
CA ARG A 26 -7.90 18.17 -23.41
C ARG A 26 -8.25 19.39 -22.59
N GLU A 27 -7.85 19.36 -21.32
CA GLU A 27 -8.11 20.44 -20.38
C GLU A 27 -7.08 20.31 -19.26
N GLU A 28 -6.96 21.35 -18.43
CA GLU A 28 -6.01 21.33 -17.34
C GLU A 28 -6.64 20.77 -16.07
N LYS A 29 -6.02 19.71 -15.53
CA LYS A 29 -6.50 19.10 -14.30
C LYS A 29 -5.38 18.92 -13.30
N MSE A 30 -5.65 19.26 -12.05
CA MSE A 30 -4.65 19.15 -11.00
C MSE A 30 -4.48 17.74 -10.48
O MSE A 30 -5.44 16.95 -10.42
CB MSE A 30 -5.01 20.08 -9.83
CG MSE A 30 -5.10 21.55 -10.24
SE MSE A 30 -3.45 22.20 -10.99
CE MSE A 30 -2.54 22.69 -9.36
N VAL A 31 -3.25 17.41 -10.11
CA VAL A 31 -2.89 16.12 -9.57
C VAL A 31 -2.42 16.37 -8.13
N GLU A 32 -3.13 15.79 -7.16
CA GLU A 32 -2.77 16.00 -5.76
C GLU A 32 -1.86 14.91 -5.19
N GLN A 33 -2.04 13.67 -5.64
CA GLN A 33 -1.22 12.56 -5.14
C GLN A 33 -0.72 11.67 -6.28
N VAL A 34 0.39 10.98 -6.00
CA VAL A 34 0.97 10.07 -6.96
C VAL A 34 1.04 8.68 -6.35
N VAL A 35 0.52 7.69 -7.08
CA VAL A 35 0.53 6.31 -6.61
C VAL A 35 1.51 5.50 -7.45
N ILE A 36 2.40 4.78 -6.78
CA ILE A 36 3.37 3.95 -7.47
C ILE A 36 2.79 2.54 -7.59
N GLY A 37 2.54 2.10 -8.81
CA GLY A 37 2.00 0.76 -9.02
C GLY A 37 3.05 -0.12 -9.68
N ALA A 38 4.21 -0.20 -9.05
CA ALA A 38 5.32 -0.99 -9.59
C ALA A 38 5.10 -2.50 -9.50
N MSE A 39 4.64 -2.97 -8.35
CA MSE A 39 4.43 -4.40 -8.16
C MSE A 39 2.99 -4.85 -8.32
O MSE A 39 2.36 -4.61 -9.36
CB MSE A 39 4.97 -4.79 -6.78
CG MSE A 39 6.45 -4.44 -6.60
SE MSE A 39 7.12 -4.60 -4.78
CE MSE A 39 7.79 -6.41 -4.85
N SER A 40 2.46 -5.51 -7.29
CA SER A 40 1.09 -6.03 -7.27
C SER A 40 0.00 -5.06 -7.75
N PRO A 41 -0.76 -5.45 -8.78
CA PRO A 41 -1.82 -4.57 -9.29
C PRO A 41 -2.93 -4.35 -8.25
N GLN A 42 -3.24 -5.40 -7.48
CA GLN A 42 -4.27 -5.29 -6.46
C GLN A 42 -3.81 -4.30 -5.39
N SER A 43 -2.51 -4.28 -5.16
CA SER A 43 -1.93 -3.37 -4.17
C SER A 43 -2.01 -1.93 -4.68
N ALA A 44 -1.67 -1.73 -5.95
CA ALA A 44 -1.72 -0.40 -6.56
C ALA A 44 -3.15 0.15 -6.55
N LEU A 45 -4.11 -0.71 -6.85
CA LEU A 45 -5.50 -0.31 -6.87
C LEU A 45 -6.02 0.06 -5.47
N ARG A 46 -5.50 -0.63 -4.45
CA ARG A 46 -5.90 -0.35 -3.09
C ARG A 46 -5.38 1.04 -2.72
N TYR A 47 -4.14 1.33 -3.10
CA TYR A 47 -3.58 2.65 -2.83
C TYR A 47 -4.36 3.74 -3.58
N LEU A 48 -4.73 3.47 -4.84
CA LEU A 48 -5.48 4.46 -5.63
C LEU A 48 -6.82 4.80 -4.99
N ARG A 49 -7.44 3.81 -4.37
CA ARG A 49 -8.74 4.02 -3.73
C ARG A 49 -8.68 5.08 -2.63
N GLU A 50 -7.55 5.16 -1.94
CA GLU A 50 -7.42 6.15 -0.87
C GLU A 50 -6.88 7.49 -1.37
N ALA A 51 -6.61 7.60 -2.67
CA ALA A 51 -6.06 8.83 -3.23
C ALA A 51 -7.04 9.63 -4.07
N ARG A 52 -7.03 10.95 -3.88
CA ARG A 52 -7.91 11.83 -4.65
C ARG A 52 -7.10 12.51 -5.75
N ASN A 53 -7.72 12.73 -6.91
CA ASN A 53 -7.06 13.38 -8.05
C ASN A 53 -5.62 12.86 -8.13
N ALA A 54 -5.52 11.54 -8.28
CA ALA A 54 -4.23 10.87 -8.32
C ALA A 54 -3.66 10.56 -9.69
N ALA A 55 -2.34 10.39 -9.72
CA ALA A 55 -1.63 10.00 -10.93
C ALA A 55 -1.10 8.61 -10.63
N LEU A 56 -1.09 7.73 -11.62
CA LEU A 56 -0.56 6.39 -11.40
C LEU A 56 0.75 6.20 -12.17
N VAL A 57 1.80 5.81 -11.46
CA VAL A 57 3.10 5.57 -12.08
C VAL A 57 3.33 4.05 -12.17
N THR A 58 3.52 3.54 -13.39
CA THR A 58 3.75 2.10 -13.55
C THR A 58 4.31 1.78 -14.93
N GLY A 59 4.61 0.52 -15.17
CA GLY A 59 5.14 0.12 -16.46
C GLY A 59 4.10 0.18 -17.55
N GLY A 60 4.49 0.72 -18.71
CA GLY A 60 3.55 0.82 -19.81
C GLY A 60 3.09 -0.53 -20.30
N ASP A 61 3.73 -1.59 -19.79
CA ASP A 61 3.39 -2.94 -20.18
C ASP A 61 2.30 -3.57 -19.30
N ARG A 62 1.98 -2.91 -18.18
CA ARG A 62 0.98 -3.38 -17.23
C ARG A 62 -0.47 -3.14 -17.69
N SER A 63 -0.82 -3.76 -18.81
CA SER A 63 -2.12 -3.63 -19.45
C SER A 63 -3.39 -3.74 -18.57
N ASP A 64 -3.55 -4.87 -17.89
CA ASP A 64 -4.74 -5.07 -17.04
C ASP A 64 -4.85 -4.00 -15.96
N LEU A 65 -3.73 -3.68 -15.31
CA LEU A 65 -3.75 -2.66 -14.28
C LEU A 65 -4.16 -1.30 -14.86
N LEU A 66 -3.58 -0.94 -15.99
CA LEU A 66 -3.88 0.35 -16.61
C LEU A 66 -5.34 0.45 -17.03
N LEU A 67 -5.88 -0.60 -17.63
CA LEU A 67 -7.28 -0.61 -18.06
C LEU A 67 -8.25 -0.47 -16.88
N THR A 68 -7.92 -1.10 -15.75
CA THR A 68 -8.77 -1.02 -14.57
C THR A 68 -8.66 0.39 -13.98
N ALA A 69 -7.42 0.88 -13.92
CA ALA A 69 -7.14 2.20 -13.39
C ALA A 69 -7.93 3.25 -14.18
N LEU A 70 -8.00 3.08 -15.49
CA LEU A 70 -8.71 4.01 -16.35
C LEU A 70 -10.23 4.05 -16.14
N GLU A 71 -10.74 3.15 -15.30
CA GLU A 71 -12.16 3.13 -14.98
C GLU A 71 -12.44 3.87 -13.66
N MSE A 72 -11.43 4.11 -12.84
CA MSE A 72 -11.64 4.83 -11.57
C MSE A 72 -11.99 6.28 -11.80
O MSE A 72 -11.49 6.90 -12.74
CB MSE A 72 -10.41 4.81 -10.64
CG MSE A 72 -9.48 3.65 -10.62
CG MSE A 72 -10.00 3.39 -10.40
SE MSE A 72 -8.16 3.47 -9.08
SE MSE A 72 -11.21 2.04 -9.53
CE MSE A 72 -9.31 3.81 -7.54
CE MSE A 72 -10.95 0.70 -10.86
N PRO A 73 -12.80 6.87 -10.91
CA PRO A 73 -13.21 8.27 -11.01
C PRO A 73 -12.11 9.24 -10.57
N ASN A 74 -11.22 8.76 -9.71
CA ASN A 74 -10.14 9.58 -9.17
C ASN A 74 -8.79 9.55 -9.91
N VAL A 75 -8.68 8.76 -10.97
CA VAL A 75 -7.42 8.72 -11.72
C VAL A 75 -7.42 9.86 -12.74
N ARG A 76 -6.44 10.76 -12.61
CA ARG A 76 -6.34 11.93 -13.49
C ARG A 76 -5.19 11.84 -14.48
N CYS A 77 -4.26 10.93 -14.25
CA CYS A 77 -3.11 10.86 -15.14
C CYS A 77 -2.31 9.57 -15.04
N LEU A 78 -1.75 9.13 -16.16
CA LEU A 78 -0.94 7.92 -16.18
C LEU A 78 0.49 8.29 -16.57
N ILE A 79 1.43 7.83 -15.75
CA ILE A 79 2.86 8.07 -16.01
C ILE A 79 3.47 6.69 -16.28
N LEU A 80 3.82 6.43 -17.53
CA LEU A 80 4.38 5.15 -17.93
C LEU A 80 5.91 5.19 -18.02
N THR A 81 6.55 4.26 -17.31
CA THR A 81 8.00 4.18 -17.23
C THR A 81 8.69 3.21 -18.20
N GLY A 82 10.02 3.31 -18.25
CA GLY A 82 10.82 2.44 -19.11
C GLY A 82 10.58 2.58 -20.60
N ASN A 83 10.01 3.70 -21.03
CA ASN A 83 9.71 3.91 -22.45
C ASN A 83 8.86 2.77 -23.01
N LEU A 84 8.13 2.10 -22.13
CA LEU A 84 7.26 0.99 -22.55
C LEU A 84 5.93 1.53 -23.09
N GLU A 85 5.73 1.44 -24.41
CA GLU A 85 4.51 1.91 -25.03
C GLU A 85 3.41 0.87 -24.75
N PRO A 86 2.28 1.31 -24.19
CA PRO A 86 1.15 0.44 -23.86
C PRO A 86 0.40 -0.06 -25.07
N VAL A 87 -0.45 -1.05 -24.89
CA VAL A 87 -1.21 -1.58 -26.01
C VAL A 87 -2.28 -0.58 -26.44
N GLN A 88 -2.76 -0.74 -27.67
CA GLN A 88 -3.77 0.15 -28.23
C GLN A 88 -5.01 0.34 -27.35
N LEU A 89 -5.48 -0.74 -26.73
CA LEU A 89 -6.66 -0.69 -25.86
C LEU A 89 -6.53 0.39 -24.77
N VAL A 90 -5.35 0.48 -24.18
CA VAL A 90 -5.06 1.46 -23.13
C VAL A 90 -5.09 2.88 -23.68
N LEU A 91 -4.46 3.09 -24.84
CA LEU A 91 -4.41 4.40 -25.47
C LEU A 91 -5.81 4.86 -25.83
N THR A 92 -6.59 3.94 -26.38
CA THR A 92 -7.96 4.19 -26.79
C THR A 92 -8.82 4.58 -25.58
N LYS A 93 -8.72 3.79 -24.51
CA LYS A 93 -9.51 4.07 -23.30
C LYS A 93 -9.09 5.42 -22.67
N ALA A 94 -7.79 5.70 -22.64
CA ALA A 94 -7.33 6.95 -22.06
C ALA A 94 -7.84 8.14 -22.89
N GLU A 95 -7.84 7.98 -24.21
CA GLU A 95 -8.32 9.01 -25.11
C GLU A 95 -9.81 9.25 -24.86
N GLU A 96 -10.56 8.16 -24.75
CA GLU A 96 -12.00 8.24 -24.51
C GLU A 96 -12.32 8.92 -23.20
N ARG A 97 -11.60 8.52 -22.15
CA ARG A 97 -11.77 9.06 -20.81
C ARG A 97 -11.21 10.48 -20.66
N GLY A 98 -10.35 10.88 -21.59
CA GLY A 98 -9.76 12.20 -21.49
C GLY A 98 -8.73 12.25 -20.38
N VAL A 99 -8.05 11.12 -20.16
CA VAL A 99 -6.99 11.02 -19.15
C VAL A 99 -5.63 11.11 -19.85
N PRO A 100 -4.83 12.13 -19.51
CA PRO A 100 -3.53 12.21 -20.17
C PRO A 100 -2.61 11.05 -19.84
N VAL A 101 -1.79 10.67 -20.81
CA VAL A 101 -0.84 9.58 -20.63
C VAL A 101 0.56 10.07 -20.96
N ILE A 102 1.41 10.05 -19.94
CA ILE A 102 2.79 10.49 -20.05
C ILE A 102 3.76 9.31 -20.10
N LEU A 103 4.64 9.31 -21.10
CA LEU A 103 5.65 8.26 -21.22
C LEU A 103 6.99 8.85 -20.82
N THR A 104 7.69 8.17 -19.92
CA THR A 104 9.01 8.64 -19.49
C THR A 104 10.02 7.53 -19.70
N GLY A 105 11.23 7.92 -20.07
CA GLY A 105 12.30 6.95 -20.29
C GLY A 105 12.86 6.49 -18.95
N HIS A 106 12.58 7.25 -17.90
CA HIS A 106 13.04 6.91 -16.55
C HIS A 106 12.46 5.59 -16.06
N ASP A 107 13.21 4.91 -15.20
CA ASP A 107 12.73 3.65 -14.63
C ASP A 107 11.86 4.08 -13.45
N THR A 108 11.10 3.14 -12.89
CA THR A 108 10.20 3.45 -11.78
C THR A 108 10.90 4.16 -10.62
N LEU A 109 12.09 3.68 -10.28
CA LEU A 109 12.86 4.25 -9.17
C LEU A 109 13.24 5.71 -9.42
N THR A 110 13.79 5.97 -10.60
CA THR A 110 14.21 7.33 -10.95
C THR A 110 13.02 8.26 -11.10
N ALA A 111 11.93 7.74 -11.67
CA ALA A 111 10.73 8.53 -11.86
C ALA A 111 10.26 9.01 -10.49
N VAL A 112 10.28 8.10 -9.51
CA VAL A 112 9.86 8.42 -8.16
C VAL A 112 10.75 9.49 -7.55
N SER A 113 12.06 9.33 -7.68
CA SER A 113 13.01 10.30 -7.14
C SER A 113 12.66 11.69 -7.64
N ARG A 114 12.53 11.83 -8.96
CA ARG A 114 12.20 13.08 -9.58
C ARG A 114 10.87 13.65 -9.07
N LEU A 115 9.87 12.79 -8.96
CA LEU A 115 8.56 13.23 -8.48
C LEU A 115 8.60 13.66 -7.02
N GLU A 116 9.39 12.97 -6.20
CA GLU A 116 9.49 13.33 -4.79
C GLU A 116 10.06 14.73 -4.68
N SER A 117 10.98 15.06 -5.59
CA SER A 117 11.60 16.37 -5.60
C SER A 117 10.54 17.42 -5.94
N VAL A 118 9.28 16.99 -5.97
CA VAL A 118 8.16 17.87 -6.27
C VAL A 118 7.02 17.68 -5.26
N PHE A 119 7.34 17.03 -4.14
CA PHE A 119 6.40 16.76 -3.05
C PHE A 119 6.96 15.78 -2.01
N GLY A 120 6.54 14.51 -2.08
CA GLY A 120 7.04 13.52 -1.14
C GLY A 120 5.95 12.93 -0.27
N ARG A 121 5.22 13.79 0.42
CA ARG A 121 4.13 13.37 1.28
C ARG A 121 3.00 12.90 0.37
N THR A 122 2.99 13.41 -0.86
CA THR A 122 1.97 13.06 -1.84
C THR A 122 2.36 11.84 -2.67
N ARG A 123 3.42 11.17 -2.25
CA ARG A 123 3.88 9.97 -2.93
C ARG A 123 3.59 8.76 -2.06
N ILE A 124 2.45 8.11 -2.33
CA ILE A 124 2.07 6.94 -1.55
C ILE A 124 2.28 5.70 -2.41
N ARG A 125 1.77 4.57 -1.93
CA ARG A 125 1.91 3.31 -2.63
C ARG A 125 3.35 2.86 -2.45
N GLY A 126 3.79 1.89 -3.25
CA GLY A 126 5.16 1.40 -3.13
C GLY A 126 5.30 0.53 -1.88
N GLY B 7 14.82 -7.08 18.65
CA GLY B 7 13.68 -7.51 17.79
C GLY B 7 13.86 -7.06 16.35
N LEU B 8 12.76 -6.69 15.70
CA LEU B 8 12.82 -6.24 14.32
C LEU B 8 11.91 -5.05 14.05
N SER B 9 12.23 -4.30 13.00
CA SER B 9 11.45 -3.14 12.64
C SER B 9 10.15 -3.56 11.96
N VAL B 10 9.16 -2.67 12.01
CA VAL B 10 7.88 -2.92 11.39
C VAL B 10 8.10 -3.06 9.89
N GLU B 11 9.00 -2.25 9.36
CA GLU B 11 9.31 -2.27 7.94
C GLU B 11 9.85 -3.63 7.50
N GLU B 12 10.70 -4.24 8.34
CA GLU B 12 11.25 -5.55 8.03
C GLU B 12 10.14 -6.59 8.07
N ILE B 13 9.21 -6.42 9.00
CA ILE B 13 8.09 -7.35 9.10
C ILE B 13 7.21 -7.25 7.86
N ARG B 14 6.95 -6.03 7.41
CA ARG B 14 6.13 -5.83 6.22
C ARG B 14 6.74 -6.55 5.02
N GLU B 15 8.05 -6.34 4.85
CA GLU B 15 8.77 -6.97 3.76
C GLU B 15 8.64 -8.49 3.81
N ALA B 16 8.84 -9.05 5.01
CA ALA B 16 8.77 -10.49 5.21
C ALA B 16 7.44 -11.12 4.75
N VAL B 17 6.34 -10.42 4.95
CA VAL B 17 5.04 -10.96 4.56
C VAL B 17 4.50 -10.30 3.29
N SER B 18 5.37 -9.58 2.59
CA SER B 18 5.00 -8.90 1.36
C SER B 18 3.69 -8.14 1.56
N GLY B 19 3.60 -7.37 2.65
CA GLY B 19 2.38 -6.65 2.91
C GLY B 19 2.47 -5.18 2.59
N GLU B 20 1.36 -4.48 2.76
CA GLU B 20 1.31 -3.05 2.52
C GLU B 20 0.67 -2.38 3.71
N TYR B 21 1.01 -1.12 3.94
CA TYR B 21 0.45 -0.39 5.06
C TYR B 21 -0.96 0.11 4.80
N LEU B 22 -1.86 -0.21 5.72
CA LEU B 22 -3.23 0.30 5.63
C LEU B 22 -3.12 1.56 6.51
N ILE B 23 -2.27 1.46 7.53
CA ILE B 23 -2.00 2.56 8.44
C ILE B 23 -0.49 2.59 8.63
N GLU B 24 0.14 3.68 8.19
CA GLU B 24 1.58 3.82 8.30
C GLU B 24 2.01 4.22 9.69
N PRO B 25 3.24 3.84 10.09
CA PRO B 25 3.75 4.22 11.41
C PRO B 25 4.16 5.69 11.35
N ARG B 26 4.10 6.38 12.50
CA ARG B 26 4.48 7.79 12.53
C ARG B 26 5.88 7.90 13.09
N GLU B 27 6.39 6.76 13.55
CA GLU B 27 7.72 6.62 14.12
C GLU B 27 8.05 5.14 14.05
N GLU B 28 9.32 4.78 14.18
CA GLU B 28 9.67 3.37 14.11
C GLU B 28 9.79 2.75 15.50
N LYS B 29 9.20 1.58 15.66
CA LYS B 29 9.26 0.85 16.92
C LYS B 29 9.64 -0.58 16.62
N MSE B 30 10.36 -1.21 17.54
CA MSE B 30 10.80 -2.57 17.37
C MSE B 30 9.77 -3.57 17.89
O MSE B 30 9.06 -3.30 18.85
CB MSE B 30 12.13 -2.79 18.10
CG MSE B 30 13.28 -1.97 17.56
SE MSE B 30 13.75 -2.47 15.75
CE MSE B 30 14.93 -3.95 16.17
N VAL B 31 9.70 -4.71 17.22
CA VAL B 31 8.81 -5.79 17.61
C VAL B 31 9.70 -6.94 18.04
N GLU B 32 9.46 -7.45 19.25
CA GLU B 32 10.25 -8.55 19.80
C GLU B 32 9.53 -9.88 19.62
N GLN B 33 8.20 -9.84 19.61
CA GLN B 33 7.42 -11.04 19.48
C GLN B 33 6.21 -10.89 18.56
N VAL B 34 5.84 -12.01 17.94
CA VAL B 34 4.70 -12.07 17.05
C VAL B 34 3.70 -13.04 17.65
N VAL B 35 2.45 -12.59 17.79
CA VAL B 35 1.43 -13.45 18.35
C VAL B 35 0.41 -13.82 17.28
N ILE B 36 0.22 -15.12 17.08
CA ILE B 36 -0.72 -15.60 16.10
C ILE B 36 -2.12 -15.67 16.72
N GLY B 37 -3.07 -14.94 16.15
CA GLY B 37 -4.43 -14.95 16.68
C GLY B 37 -5.35 -15.59 15.66
N ALA B 38 -5.13 -16.87 15.40
CA ALA B 38 -5.92 -17.61 14.43
C ALA B 38 -7.34 -17.98 14.84
N MSE B 39 -7.52 -18.36 16.10
CA MSE B 39 -8.86 -18.75 16.55
C MSE B 39 -9.57 -17.86 17.55
O MSE B 39 -9.96 -16.74 17.23
CB MSE B 39 -8.83 -20.19 17.07
CG MSE B 39 -8.85 -21.23 15.97
SE MSE B 39 -8.79 -23.06 16.62
CE MSE B 39 -7.02 -23.53 15.98
N SER B 40 -9.72 -18.36 18.77
CA SER B 40 -10.40 -17.62 19.83
C SER B 40 -9.74 -16.31 20.22
N PRO B 41 -10.54 -15.23 20.30
CA PRO B 41 -10.03 -13.90 20.67
C PRO B 41 -9.56 -13.89 22.13
N GLN B 42 -10.33 -14.52 23.02
CA GLN B 42 -9.96 -14.60 24.43
C GLN B 42 -8.58 -15.23 24.49
N SER B 43 -8.40 -16.26 23.66
CA SER B 43 -7.14 -16.99 23.57
C SER B 43 -6.04 -16.11 23.01
N ALA B 44 -6.36 -15.38 21.94
CA ALA B 44 -5.39 -14.48 21.31
C ALA B 44 -4.92 -13.43 22.32
N LEU B 45 -5.87 -12.86 23.06
CA LEU B 45 -5.57 -11.83 24.05
C LEU B 45 -4.72 -12.37 25.21
N ARG B 46 -4.98 -13.61 25.60
CA ARG B 46 -4.22 -14.22 26.69
C ARG B 46 -2.76 -14.36 26.25
N TYR B 47 -2.54 -14.81 25.02
CA TYR B 47 -1.18 -14.94 24.51
C TYR B 47 -0.53 -13.56 24.45
N LEU B 48 -1.28 -12.55 24.02
CA LEU B 48 -0.74 -11.21 23.94
C LEU B 48 -0.29 -10.68 25.28
N ARG B 49 -1.01 -11.03 26.34
CA ARG B 49 -0.64 -10.56 27.68
C ARG B 49 0.75 -11.02 28.10
N GLU B 50 1.20 -12.16 27.58
CA GLU B 50 2.51 -12.69 27.90
C GLU B 50 3.60 -12.20 26.93
N ALA B 51 3.22 -11.44 25.92
CA ALA B 51 4.20 -10.96 24.94
C ALA B 51 4.54 -9.48 25.13
N ARG B 52 5.79 -9.12 24.86
CA ARG B 52 6.23 -7.74 24.99
C ARG B 52 6.48 -7.16 23.59
N ASN B 53 6.17 -5.88 23.42
CA ASN B 53 6.36 -5.20 22.13
C ASN B 53 5.97 -6.18 21.03
N ALA B 54 4.72 -6.60 21.06
CA ALA B 54 4.24 -7.59 20.11
C ALA B 54 3.50 -7.07 18.89
N ALA B 55 3.47 -7.93 17.89
CA ALA B 55 2.74 -7.67 16.66
C ALA B 55 1.69 -8.76 16.69
N LEU B 56 0.46 -8.43 16.35
CA LEU B 56 -0.60 -9.44 16.33
C LEU B 56 -0.91 -9.79 14.88
N VAL B 57 -0.89 -11.10 14.58
CA VAL B 57 -1.20 -11.61 13.26
C VAL B 57 -2.59 -12.25 13.33
N THR B 58 -3.52 -11.76 12.52
CA THR B 58 -4.89 -12.30 12.54
C THR B 58 -5.66 -11.85 11.31
N GLY B 59 -6.91 -12.29 11.19
CA GLY B 59 -7.71 -11.90 10.04
C GLY B 59 -8.24 -10.48 10.15
N GLY B 60 -8.22 -9.75 9.05
CA GLY B 60 -8.71 -8.38 9.07
C GLY B 60 -10.19 -8.27 9.41
N ASP B 61 -10.87 -9.41 9.43
CA ASP B 61 -12.29 -9.47 9.72
C ASP B 61 -12.60 -9.63 11.21
N ARG B 62 -11.57 -9.85 12.01
CA ARG B 62 -11.72 -10.05 13.46
C ARG B 62 -11.80 -8.71 14.20
N SER B 63 -12.82 -7.93 13.86
CA SER B 63 -13.06 -6.62 14.44
C SER B 63 -12.99 -6.49 15.97
N ASP B 64 -13.76 -7.30 16.69
CA ASP B 64 -13.78 -7.24 18.15
C ASP B 64 -12.38 -7.44 18.74
N LEU B 65 -11.68 -8.46 18.27
CA LEU B 65 -10.34 -8.76 18.76
C LEU B 65 -9.40 -7.62 18.44
N LEU B 66 -9.47 -7.09 17.23
CA LEU B 66 -8.59 -6.00 16.81
C LEU B 66 -8.78 -4.74 17.67
N LEU B 67 -10.02 -4.37 17.93
CA LEU B 67 -10.30 -3.18 18.73
C LEU B 67 -9.77 -3.30 20.16
N THR B 68 -9.84 -4.52 20.70
CA THR B 68 -9.35 -4.76 22.05
C THR B 68 -7.84 -4.76 22.10
N ALA B 69 -7.21 -5.37 21.11
CA ALA B 69 -5.76 -5.44 21.06
C ALA B 69 -5.18 -4.03 20.95
N LEU B 70 -5.88 -3.15 20.24
CA LEU B 70 -5.45 -1.77 20.08
C LEU B 70 -5.51 -0.94 21.35
N GLU B 71 -6.05 -1.51 22.43
CA GLU B 71 -6.11 -0.83 23.71
C GLU B 71 -4.92 -1.30 24.58
N MSE B 72 -4.28 -2.43 24.22
CA MSE B 72 -3.16 -2.95 24.99
C MSE B 72 -1.94 -2.06 24.82
O MSE B 72 -1.67 -1.55 23.73
CB MSE B 72 -2.71 -4.37 24.56
CG MSE B 72 -3.70 -5.41 24.16
CG MSE B 72 -3.92 -5.32 24.69
SE MSE B 72 -3.10 -7.38 24.07
SE MSE B 72 -4.91 -5.43 26.45
CE MSE B 72 -2.46 -7.57 25.92
CE MSE B 72 -6.68 -5.42 25.71
N PRO B 73 -1.14 -1.92 25.87
CA PRO B 73 0.08 -1.11 25.86
C PRO B 73 1.23 -1.80 25.13
N ASN B 74 1.19 -3.13 25.07
CA ASN B 74 2.23 -3.92 24.44
C ASN B 74 2.04 -4.21 22.94
N VAL B 75 0.92 -3.78 22.36
CA VAL B 75 0.71 -4.05 20.95
C VAL B 75 1.33 -2.95 20.09
N ARG B 76 2.35 -3.34 19.32
CA ARG B 76 3.08 -2.41 18.46
C ARG B 76 2.67 -2.45 16.99
N CYS B 77 2.02 -3.53 16.57
CA CYS B 77 1.67 -3.65 15.16
C CYS B 77 0.59 -4.69 14.86
N LEU B 78 -0.21 -4.43 13.83
CA LEU B 78 -1.24 -5.37 13.41
C LEU B 78 -0.90 -5.92 12.01
N ILE B 79 -0.93 -7.23 11.88
CA ILE B 79 -0.65 -7.89 10.60
C ILE B 79 -1.92 -8.60 10.20
N LEU B 80 -2.64 -8.04 9.23
CA LEU B 80 -3.91 -8.61 8.79
C LEU B 80 -3.71 -9.49 7.57
N THR B 81 -4.23 -10.72 7.66
CA THR B 81 -4.08 -11.72 6.62
C THR B 81 -5.23 -11.87 5.63
N GLY B 82 -4.99 -12.64 4.57
CA GLY B 82 -6.01 -12.89 3.56
C GLY B 82 -6.52 -11.66 2.83
N ASN B 83 -5.72 -10.61 2.77
CA ASN B 83 -6.14 -9.38 2.12
C ASN B 83 -7.49 -8.88 2.63
N LEU B 84 -7.86 -9.29 3.85
CA LEU B 84 -9.12 -8.85 4.46
C LEU B 84 -8.99 -7.48 5.09
N GLU B 85 -9.55 -6.46 4.43
CA GLU B 85 -9.49 -5.09 4.95
C GLU B 85 -10.44 -4.98 6.14
N PRO B 86 -9.97 -4.43 7.27
CA PRO B 86 -10.77 -4.28 8.49
C PRO B 86 -11.81 -3.17 8.40
N VAL B 87 -12.71 -3.12 9.37
CA VAL B 87 -13.74 -2.10 9.39
C VAL B 87 -13.16 -0.74 9.75
N GLN B 88 -13.87 0.31 9.36
CA GLN B 88 -13.45 1.68 9.59
C GLN B 88 -13.08 1.99 11.04
N LEU B 89 -13.82 1.43 11.99
CA LEU B 89 -13.54 1.68 13.39
C LEU B 89 -12.13 1.20 13.74
N VAL B 90 -11.71 0.09 13.15
CA VAL B 90 -10.38 -0.44 13.41
C VAL B 90 -9.29 0.48 12.84
N LEU B 91 -9.51 0.99 11.62
CA LEU B 91 -8.54 1.87 10.98
C LEU B 91 -8.44 3.19 11.75
N THR B 92 -9.59 3.68 12.22
CA THR B 92 -9.63 4.92 12.98
C THR B 92 -8.90 4.76 14.30
N LYS B 93 -9.23 3.70 15.03
CA LYS B 93 -8.58 3.43 16.31
C LYS B 93 -7.05 3.28 16.15
N ALA B 94 -6.63 2.51 15.15
CA ALA B 94 -5.20 2.30 14.94
C ALA B 94 -4.50 3.61 14.62
N GLU B 95 -5.15 4.42 13.80
CA GLU B 95 -4.67 5.73 13.39
C GLU B 95 -4.51 6.64 14.61
N GLU B 96 -5.50 6.63 15.49
CA GLU B 96 -5.43 7.45 16.70
C GLU B 96 -4.31 7.00 17.62
N ARG B 97 -4.13 5.69 17.73
CA ARG B 97 -3.10 5.13 18.59
C ARG B 97 -1.71 5.13 17.99
N GLY B 98 -1.61 5.35 16.69
CA GLY B 98 -0.29 5.34 16.07
C GLY B 98 0.26 3.93 15.91
N VAL B 99 -0.64 2.95 15.83
CA VAL B 99 -0.21 1.57 15.66
C VAL B 99 -0.28 1.24 14.17
N PRO B 100 0.86 0.91 13.56
CA PRO B 100 0.84 0.58 12.14
C PRO B 100 0.03 -0.70 11.84
N VAL B 101 -0.66 -0.71 10.72
CA VAL B 101 -1.47 -1.85 10.30
C VAL B 101 -0.97 -2.32 8.94
N ILE B 102 -0.49 -3.55 8.90
CA ILE B 102 0.03 -4.16 7.67
C ILE B 102 -0.97 -5.18 7.12
N LEU B 103 -1.23 -5.10 5.83
CA LEU B 103 -2.13 -6.05 5.18
C LEU B 103 -1.29 -6.93 4.28
N THR B 104 -1.49 -8.24 4.40
CA THR B 104 -0.78 -9.21 3.57
C THR B 104 -1.78 -10.11 2.89
N GLY B 105 -1.49 -10.49 1.65
CA GLY B 105 -2.36 -11.38 0.91
C GLY B 105 -2.22 -12.80 1.43
N HIS B 106 -1.10 -13.11 2.06
CA HIS B 106 -0.87 -14.45 2.61
C HIS B 106 -1.98 -14.82 3.59
N ASP B 107 -2.27 -16.12 3.70
CA ASP B 107 -3.26 -16.57 4.66
C ASP B 107 -2.46 -16.72 5.96
N THR B 108 -3.16 -16.87 7.08
CA THR B 108 -2.48 -16.97 8.37
C THR B 108 -1.35 -18.00 8.40
N LEU B 109 -1.61 -19.20 7.88
CA LEU B 109 -0.61 -20.26 7.86
C LEU B 109 0.64 -19.84 7.09
N THR B 110 0.45 -19.31 5.88
CA THR B 110 1.57 -18.88 5.05
C THR B 110 2.31 -17.70 5.66
N ALA B 111 1.58 -16.81 6.30
CA ALA B 111 2.19 -15.65 6.93
C ALA B 111 3.08 -16.08 8.08
N VAL B 112 2.64 -17.09 8.82
CA VAL B 112 3.41 -17.61 9.95
C VAL B 112 4.77 -18.13 9.48
N SER B 113 4.78 -18.86 8.38
CA SER B 113 6.01 -19.41 7.82
C SER B 113 6.97 -18.28 7.47
N ARG B 114 6.45 -17.29 6.74
CA ARG B 114 7.26 -16.15 6.33
C ARG B 114 7.82 -15.41 7.54
N LEU B 115 7.03 -15.33 8.61
CA LEU B 115 7.46 -14.65 9.82
C LEU B 115 8.34 -15.58 10.65
N GLU B 116 8.21 -16.88 10.42
CA GLU B 116 8.99 -17.86 11.14
C GLU B 116 10.44 -17.71 10.69
N SER B 117 10.63 -17.40 9.42
CA SER B 117 11.97 -17.22 8.88
C SER B 117 12.54 -15.93 9.47
N VAL B 118 11.67 -15.17 10.11
CA VAL B 118 12.09 -13.91 10.74
C VAL B 118 12.62 -14.22 12.13
N PHE B 119 12.59 -15.50 12.51
CA PHE B 119 13.06 -15.97 13.81
C PHE B 119 12.70 -17.44 14.02
N GLY B 120 11.88 -17.70 15.04
CA GLY B 120 11.46 -19.06 15.33
C GLY B 120 10.87 -19.16 16.74
N ARG B 121 11.65 -18.78 17.74
CA ARG B 121 11.21 -18.82 19.13
C ARG B 121 10.42 -17.54 19.43
N THR B 122 10.45 -16.60 18.48
CA THR B 122 9.74 -15.34 18.64
C THR B 122 8.30 -15.56 18.21
N ARG B 123 7.90 -16.83 18.19
CA ARG B 123 6.55 -17.23 17.78
C ARG B 123 5.67 -17.46 19.00
N ILE B 124 4.52 -16.81 19.03
CA ILE B 124 3.59 -16.97 20.14
C ILE B 124 2.22 -17.36 19.64
N ARG B 125 1.52 -18.18 20.42
CA ARG B 125 0.17 -18.63 20.09
C ARG B 125 0.18 -19.63 18.92
N GLY B 126 -0.99 -20.19 18.65
CA GLY B 126 -1.10 -21.16 17.56
C GLY B 126 -0.53 -22.51 17.95
#